data_4DDD
#
_entry.id   4DDD
#
_cell.length_a   62.710
_cell.length_b   65.440
_cell.length_c   90.970
_cell.angle_alpha   90.00
_cell.angle_beta   90.00
_cell.angle_gamma   90.00
#
_symmetry.space_group_name_H-M   'P 21 21 21'
#
loop_
_entity.id
_entity.type
_entity.pdbx_description
1 polymer 'Immunogenic protein'
2 non-polymer 'CHLORIDE ION'
3 non-polymer 1,2-ETHANEDIOL
4 non-polymer GLYCEROL
5 water water
#
_entity_poly.entity_id   1
_entity_poly.type   'polypeptide(L)'
_entity_poly.pdbx_seq_one_letter_code
;MAHHHHHHMGTLEAQTQGPGSMASSDDSLNREYILIGTGSMTGVYYPIGGSICRFIASDYGKDNKIICSISSTTGSVYNL
NSIRYSNMDISIVQSDLEYYAYNGLGFYEKMLPMDNLRMLASLHKEYLTIVVKKSSNISVIDDIKGKRVNIGSPGTGVRV
AMLKLLGEKGWTKKDFSVMAELKSSEQAQALCDNKIDVMVDVIGHPNASIQEASATCDIKFIPLDDRLIDDLHAKYPYYQ
KDIISGGLYNDSPDIQTVSVKASLVTTTELSNDLAYKIVKSIATHLRELRSITGALKTLTVQDMAKSSITPMHDGAERYY
KEIGAIK
;
_entity_poly.pdbx_strand_id   A
#
# COMPACT_ATOMS: atom_id res chain seq x y z
N SER A 28 5.05 -35.75 -3.02
CA SER A 28 3.94 -36.43 -2.31
C SER A 28 2.61 -35.76 -2.68
N LEU A 29 1.53 -36.19 -2.03
CA LEU A 29 0.17 -35.71 -2.30
C LEU A 29 -0.22 -34.48 -1.48
N ASN A 30 0.71 -33.85 -0.77
CA ASN A 30 0.38 -32.62 -0.03
C ASN A 30 0.22 -31.42 -0.95
N ARG A 31 -0.80 -30.62 -0.71
CA ARG A 31 -0.98 -29.37 -1.46
C ARG A 31 0.15 -28.41 -1.10
N GLU A 32 0.53 -27.57 -2.05
CA GLU A 32 1.43 -26.44 -1.79
C GLU A 32 0.67 -25.44 -0.96
N TYR A 33 1.18 -25.11 0.23
CA TYR A 33 0.54 -24.17 1.12
C TYR A 33 1.13 -22.79 0.92
N ILE A 34 0.31 -21.87 0.45
CA ILE A 34 0.72 -20.51 0.13
C ILE A 34 0.19 -19.58 1.19
N LEU A 35 1.07 -18.84 1.87
CA LEU A 35 0.63 -17.82 2.84
C LEU A 35 0.90 -16.43 2.29
N ILE A 36 -0.13 -15.59 2.31
CA ILE A 36 -0.09 -14.19 1.79
C ILE A 36 -0.25 -13.19 2.95
N GLY A 37 0.80 -12.42 3.21
CA GLY A 37 0.74 -11.34 4.19
C GLY A 37 -0.16 -10.23 3.71
N THR A 38 -1.03 -9.75 4.60
CA THR A 38 -1.91 -8.65 4.27
C THR A 38 -1.85 -7.63 5.39
N GLY A 39 -2.95 -7.45 6.09
CA GLY A 39 -3.00 -6.49 7.19
C GLY A 39 -4.23 -6.71 8.01
N SER A 40 -4.53 -5.71 8.84
CA SER A 40 -5.64 -5.81 9.77
C SER A 40 -6.94 -6.06 9.02
N MET A 41 -7.83 -6.83 9.64
CA MET A 41 -9.14 -7.09 9.03
C MET A 41 -9.91 -5.77 8.80
N THR A 42 -9.53 -4.67 9.41
CA THR A 42 -10.21 -3.39 9.14
C THR A 42 -9.62 -2.64 7.96
N GLY A 43 -8.57 -3.17 7.34
CA GLY A 43 -7.86 -2.46 6.30
C GLY A 43 -8.26 -2.93 4.90
N VAL A 44 -7.47 -2.51 3.95
CA VAL A 44 -7.66 -2.77 2.53
C VAL A 44 -6.94 -4.03 2.08
N TYR A 45 -5.75 -4.30 2.61
CA TYR A 45 -4.97 -5.42 2.16
C TYR A 45 -5.64 -6.75 2.47
N TYR A 46 -6.28 -6.82 3.63
CA TYR A 46 -6.87 -8.07 4.10
C TYR A 46 -7.89 -8.59 3.10
N PRO A 47 -8.88 -7.76 2.72
CA PRO A 47 -9.86 -8.29 1.74
C PRO A 47 -9.25 -8.55 0.34
N ILE A 48 -8.22 -7.80 -0.06
CA ILE A 48 -7.58 -8.06 -1.33
C ILE A 48 -6.92 -9.45 -1.31
N GLY A 49 -6.14 -9.73 -0.28
CA GLY A 49 -5.53 -11.01 -0.18
C GLY A 49 -6.53 -12.15 -0.06
N GLY A 50 -7.62 -11.92 0.69
CA GLY A 50 -8.68 -12.91 0.80
C GLY A 50 -9.27 -13.25 -0.56
N SER A 51 -9.44 -12.20 -1.36
CA SER A 51 -9.95 -12.39 -2.69
CA SER A 51 -9.97 -12.36 -2.70
C SER A 51 -9.03 -13.20 -3.56
N ILE A 52 -7.72 -12.96 -3.43
CA ILE A 52 -6.72 -13.71 -4.19
C ILE A 52 -6.78 -15.17 -3.84
N CYS A 53 -6.87 -15.51 -2.57
CA CYS A 53 -7.03 -16.91 -2.17
C CYS A 53 -8.30 -17.54 -2.73
N ARG A 54 -9.40 -16.82 -2.73
CA ARG A 54 -10.64 -17.30 -3.36
C ARG A 54 -10.53 -17.57 -4.87
N PHE A 55 -9.89 -16.67 -5.61
CA PHE A 55 -9.65 -16.81 -7.04
C PHE A 55 -8.83 -18.10 -7.30
N ILE A 56 -7.84 -18.33 -6.46
CA ILE A 56 -6.99 -19.48 -6.54
C ILE A 56 -7.80 -20.76 -6.28
N ALA A 57 -8.64 -20.74 -5.24
CA ALA A 57 -9.48 -21.88 -4.90
C ALA A 57 -10.48 -22.14 -6.02
N SER A 58 -11.07 -21.10 -6.57
CA SER A 58 -12.02 -21.27 -7.66
C SER A 58 -11.35 -21.84 -8.90
N ASP A 59 -10.18 -21.32 -9.27
CA ASP A 59 -9.56 -21.73 -10.52
C ASP A 59 -8.88 -23.12 -10.42
N TYR A 60 -8.30 -23.44 -9.26
CA TYR A 60 -7.38 -24.60 -9.12
C TYR A 60 -7.67 -25.55 -7.97
N GLY A 61 -8.58 -25.13 -7.08
CA GLY A 61 -8.84 -25.83 -5.84
C GLY A 61 -9.19 -27.29 -6.10
N LYS A 62 -9.99 -27.54 -7.13
CA LYS A 62 -10.47 -28.90 -7.44
C LYS A 62 -9.34 -29.89 -7.80
N ASP A 63 -8.18 -29.37 -8.20
CA ASP A 63 -7.07 -30.21 -8.62
CA ASP A 63 -7.05 -30.19 -8.61
C ASP A 63 -6.18 -30.60 -7.42
N ASN A 64 -6.53 -30.11 -6.21
CA ASN A 64 -5.91 -30.53 -4.95
C ASN A 64 -4.41 -30.36 -4.92
N LYS A 65 -3.89 -29.29 -5.49
CA LYS A 65 -2.45 -29.07 -5.43
C LYS A 65 -2.06 -27.77 -4.68
N ILE A 66 -3.03 -26.89 -4.42
CA ILE A 66 -2.75 -25.58 -3.85
C ILE A 66 -3.75 -25.21 -2.77
N ILE A 67 -3.27 -24.66 -1.65
CA ILE A 67 -4.17 -24.13 -0.63
C ILE A 67 -3.59 -22.79 -0.20
N CYS A 68 -4.42 -21.77 -0.14
CA CYS A 68 -3.97 -20.39 0.10
C CYS A 68 -4.60 -19.86 1.39
N SER A 69 -3.80 -19.18 2.21
CA SER A 69 -4.29 -18.50 3.42
C SER A 69 -3.70 -17.11 3.49
N ILE A 70 -4.35 -16.24 4.28
CA ILE A 70 -3.83 -14.90 4.50
C ILE A 70 -3.45 -14.72 5.97
N SER A 71 -2.53 -13.80 6.17
CA SER A 71 -2.18 -13.30 7.50
C SER A 71 -2.71 -11.88 7.73
N SER A 72 -3.28 -11.63 8.90
CA SER A 72 -3.85 -10.33 9.25
C SER A 72 -2.91 -9.44 10.04
N THR A 73 -1.66 -9.87 10.27
CA THR A 73 -0.70 -9.01 10.99
C THR A 73 -0.33 -7.79 10.15
N THR A 74 -0.27 -6.62 10.80
CA THR A 74 -0.11 -5.34 10.13
C THR A 74 1.34 -5.05 9.89
N GLY A 75 1.65 -4.58 8.70
CA GLY A 75 2.86 -3.82 8.43
C GLY A 75 3.73 -4.50 7.41
N SER A 76 4.21 -3.74 6.46
CA SER A 76 5.11 -4.27 5.49
C SER A 76 6.43 -4.75 6.06
N VAL A 77 6.92 -4.14 7.13
CA VAL A 77 8.14 -4.67 7.80
C VAL A 77 7.93 -6.08 8.28
N TYR A 78 6.84 -6.31 9.01
CA TYR A 78 6.51 -7.66 9.45
C TYR A 78 6.45 -8.63 8.27
N ASN A 79 5.71 -8.25 7.23
CA ASN A 79 5.53 -9.11 6.09
C ASN A 79 6.83 -9.40 5.35
N LEU A 80 7.61 -8.35 5.13
CA LEU A 80 8.88 -8.55 4.44
C LEU A 80 9.88 -9.37 5.27
N ASN A 81 9.89 -9.19 6.57
CA ASN A 81 10.70 -10.05 7.43
CA ASN A 81 10.70 -10.05 7.44
C ASN A 81 10.23 -11.51 7.40
N SER A 82 8.92 -11.72 7.44
CA SER A 82 8.35 -13.05 7.35
C SER A 82 8.75 -13.74 6.04
N ILE A 83 8.75 -13.01 4.94
CA ILE A 83 9.21 -13.51 3.65
C ILE A 83 10.72 -13.80 3.72
N ARG A 84 11.49 -12.88 4.29
CA ARG A 84 12.94 -13.04 4.39
C ARG A 84 13.29 -14.33 5.13
N TYR A 85 12.54 -14.63 6.18
CA TYR A 85 12.76 -15.86 6.97
C TYR A 85 12.01 -17.11 6.49
N SER A 86 11.46 -17.04 5.29
CA SER A 86 10.86 -18.18 4.63
C SER A 86 9.63 -18.71 5.38
N ASN A 87 8.96 -17.86 6.16
CA ASN A 87 7.72 -18.29 6.83
C ASN A 87 6.41 -17.71 6.20
N MET A 88 6.58 -17.02 5.08
CA MET A 88 5.50 -16.41 4.30
C MET A 88 5.94 -16.40 2.86
N ASP A 89 5.03 -16.67 1.94
CA ASP A 89 5.40 -16.83 0.54
C ASP A 89 5.29 -15.54 -0.26
N ILE A 90 4.24 -14.78 0.03
CA ILE A 90 3.78 -13.65 -0.76
C ILE A 90 3.22 -12.64 0.20
N SER A 91 3.25 -11.37 -0.19
CA SER A 91 2.64 -10.34 0.63
C SER A 91 2.20 -9.16 -0.21
N ILE A 92 1.21 -8.43 0.28
CA ILE A 92 0.89 -7.11 -0.22
C ILE A 92 1.76 -6.15 0.58
N VAL A 93 2.48 -5.32 -0.13
CA VAL A 93 3.33 -4.31 0.47
C VAL A 93 3.14 -3.01 -0.33
N GLN A 94 3.80 -1.95 0.03
CA GLN A 94 3.84 -0.76 -0.86
C GLN A 94 5.25 -0.32 -1.09
N SER A 95 5.41 0.58 -2.03
CA SER A 95 6.68 0.81 -2.70
C SER A 95 7.83 1.20 -1.77
N ASP A 96 7.52 1.98 -0.75
CA ASP A 96 8.50 2.52 0.18
C ASP A 96 9.30 1.40 0.82
N LEU A 97 8.60 0.51 1.54
CA LEU A 97 9.31 -0.56 2.26
C LEU A 97 9.78 -1.68 1.30
N GLU A 98 9.10 -1.82 0.17
CA GLU A 98 9.57 -2.70 -0.89
C GLU A 98 10.94 -2.24 -1.37
N TYR A 99 11.04 -0.94 -1.64
CA TYR A 99 12.29 -0.33 -2.07
C TYR A 99 13.40 -0.55 -1.05
N TYR A 100 13.13 -0.24 0.19
CA TYR A 100 14.16 -0.40 1.18
C TYR A 100 14.58 -1.86 1.38
N ALA A 101 13.62 -2.77 1.32
CA ALA A 101 13.94 -4.20 1.60
C ALA A 101 14.77 -4.76 0.46
N TYR A 102 14.32 -4.49 -0.76
CA TYR A 102 14.98 -4.97 -1.95
C TYR A 102 16.45 -4.46 -2.03
N ASN A 103 16.65 -3.19 -1.67
CA ASN A 103 17.97 -2.55 -1.82
C ASN A 103 18.87 -2.66 -0.59
N GLY A 104 18.33 -3.11 0.55
CA GLY A 104 19.09 -3.14 1.77
C GLY A 104 19.45 -1.72 2.18
N LEU A 105 18.49 -0.78 2.04
CA LEU A 105 18.76 0.65 2.31
C LEU A 105 17.86 1.18 3.40
N GLY A 106 18.21 2.36 3.91
CA GLY A 106 17.37 3.07 4.89
C GLY A 106 17.09 2.21 6.11
N PHE A 107 15.82 1.90 6.34
CA PHE A 107 15.46 1.11 7.50
CA PHE A 107 15.38 1.05 7.48
C PHE A 107 16.07 -0.32 7.43
N TYR A 108 16.44 -0.76 6.23
CA TYR A 108 17.08 -2.09 6.06
C TYR A 108 18.60 -1.98 5.84
N GLU A 109 19.15 -0.80 6.18
CA GLU A 109 20.62 -0.52 6.12
C GLU A 109 21.52 -1.62 6.64
N LYS A 110 21.10 -2.23 7.75
CA LYS A 110 21.95 -3.18 8.47
C LYS A 110 21.71 -4.61 8.06
N MET A 111 20.82 -4.81 7.08
CA MET A 111 20.46 -6.15 6.65
CA MET A 111 20.45 -6.14 6.64
C MET A 111 20.92 -6.38 5.21
N LEU A 112 21.07 -7.63 4.85
CA LEU A 112 21.38 -7.96 3.48
C LEU A 112 20.21 -7.49 2.61
N PRO A 113 20.53 -6.95 1.42
CA PRO A 113 19.44 -6.69 0.47
C PRO A 113 18.61 -7.94 0.21
N MET A 114 17.28 -7.79 0.08
CA MET A 114 16.44 -8.91 -0.31
C MET A 114 16.44 -9.05 -1.82
N ASP A 115 17.57 -9.48 -2.38
CA ASP A 115 17.73 -9.42 -3.81
C ASP A 115 16.89 -10.45 -4.50
N ASN A 116 16.38 -11.46 -3.76
CA ASN A 116 15.50 -12.48 -4.29
C ASN A 116 14.02 -12.08 -4.37
N LEU A 117 13.69 -10.87 -3.89
CA LEU A 117 12.32 -10.37 -4.03
C LEU A 117 11.90 -10.24 -5.46
N ARG A 118 10.68 -10.62 -5.73
CA ARG A 118 10.12 -10.51 -7.08
C ARG A 118 8.69 -10.02 -7.06
N MET A 119 8.30 -9.26 -8.09
CA MET A 119 6.92 -8.78 -8.14
CA MET A 119 6.94 -8.75 -8.20
C MET A 119 6.05 -9.82 -8.82
N LEU A 120 4.81 -9.92 -8.34
CA LEU A 120 3.76 -10.69 -9.01
C LEU A 120 2.82 -9.70 -9.75
N ALA A 121 2.31 -8.67 -9.05
CA ALA A 121 1.39 -7.69 -9.67
C ALA A 121 1.43 -6.39 -8.93
N SER A 122 1.52 -5.29 -9.66
CA SER A 122 1.25 -4.01 -9.06
C SER A 122 -0.26 -3.85 -8.87
N LEU A 123 -0.63 -3.19 -7.77
CA LEU A 123 -2.03 -2.96 -7.44
C LEU A 123 -2.28 -1.45 -7.50
N HIS A 124 -3.13 -0.93 -6.62
CA HIS A 124 -3.57 0.44 -6.69
C HIS A 124 -2.54 1.40 -6.16
N LYS A 125 -2.61 2.62 -6.65
CA LYS A 125 -1.86 3.72 -6.06
C LYS A 125 -2.43 4.09 -4.70
N GLU A 126 -1.51 4.51 -3.83
CA GLU A 126 -1.81 5.02 -2.51
C GLU A 126 -1.15 6.42 -2.40
N TYR A 127 -1.89 7.37 -1.87
CA TYR A 127 -1.52 8.78 -1.89
C TYR A 127 -1.29 9.22 -0.47
N LEU A 128 -0.29 10.07 -0.27
CA LEU A 128 -0.09 10.67 1.03
C LEU A 128 -1.24 11.67 1.24
N THR A 129 -2.08 11.35 2.21
CA THR A 129 -3.37 11.99 2.38
C THR A 129 -3.43 12.63 3.81
N ILE A 130 -3.49 13.94 3.83
CA ILE A 130 -3.46 14.70 5.08
C ILE A 130 -4.83 15.40 5.20
N VAL A 131 -5.49 15.13 6.31
CA VAL A 131 -6.90 15.46 6.47
C VAL A 131 -7.02 16.19 7.79
N VAL A 132 -7.77 17.31 7.77
CA VAL A 132 -8.10 18.07 8.98
C VAL A 132 -9.60 18.42 8.98
N LYS A 133 -10.10 18.86 10.14
CA LYS A 133 -11.43 19.45 10.18
C LYS A 133 -11.35 20.83 9.51
N LYS A 134 -12.40 21.22 8.80
CA LYS A 134 -12.46 22.59 8.25
C LYS A 134 -12.37 23.63 9.36
N SER A 135 -12.97 23.35 10.52
CA SER A 135 -12.91 24.27 11.67
C SER A 135 -11.50 24.48 12.24
N SER A 136 -10.51 23.71 11.79
CA SER A 136 -9.21 23.89 12.36
C SER A 136 -8.58 25.07 11.66
N ASN A 137 -7.52 25.59 12.23
CA ASN A 137 -6.85 26.71 11.58
C ASN A 137 -6.03 26.24 10.34
N ILE A 138 -5.98 24.93 10.06
CA ILE A 138 -4.89 24.35 9.27
C ILE A 138 -5.18 24.39 7.78
N SER A 139 -4.30 25.00 6.99
CA SER A 139 -4.51 25.12 5.54
C SER A 139 -3.33 24.67 4.71
N VAL A 140 -2.11 24.83 5.23
CA VAL A 140 -0.94 24.41 4.48
C VAL A 140 -0.13 23.50 5.38
N ILE A 141 0.85 22.85 4.78
CA ILE A 141 1.58 21.80 5.47
C ILE A 141 2.28 22.36 6.70
N ASP A 142 2.84 23.57 6.62
CA ASP A 142 3.51 24.13 7.78
C ASP A 142 2.58 24.34 8.98
N ASP A 143 1.27 24.40 8.77
CA ASP A 143 0.34 24.55 9.89
C ASP A 143 0.24 23.28 10.77
N ILE A 144 0.70 22.13 10.31
CA ILE A 144 0.61 20.91 11.15
C ILE A 144 1.62 20.89 12.28
N LYS A 145 2.67 21.72 12.18
CA LYS A 145 3.64 21.84 13.26
C LYS A 145 2.95 22.24 14.56
N GLY A 146 3.34 21.59 15.64
CA GLY A 146 2.76 21.92 16.96
C GLY A 146 1.40 21.27 17.25
N LYS A 147 0.84 20.52 16.30
CA LYS A 147 -0.50 19.93 16.46
C LYS A 147 -0.41 18.50 16.95
N ARG A 148 -1.56 17.89 17.17
CA ARG A 148 -1.68 16.47 17.45
C ARG A 148 -1.79 15.76 16.09
N VAL A 149 -0.80 14.95 15.74
CA VAL A 149 -0.74 14.44 14.37
C VAL A 149 -0.58 12.92 14.43
N ASN A 150 -1.06 12.23 13.41
CA ASN A 150 -0.86 10.78 13.33
C ASN A 150 0.48 10.51 12.60
N ILE A 151 1.28 9.60 13.14
CA ILE A 151 2.49 9.08 12.49
C ILE A 151 2.40 7.57 12.14
N GLY A 152 1.24 6.98 12.38
CA GLY A 152 0.96 5.62 11.99
C GLY A 152 1.59 4.61 12.91
N SER A 153 1.34 3.35 12.64
CA SER A 153 1.99 2.27 13.39
C SER A 153 3.38 2.10 12.88
N PRO A 154 4.28 1.57 13.73
CA PRO A 154 5.62 1.23 13.34
C PRO A 154 5.61 0.24 12.15
N GLY A 155 6.60 0.36 11.28
CA GLY A 155 6.74 -0.64 10.20
C GLY A 155 5.75 -0.50 9.07
N THR A 156 5.15 0.69 8.92
CA THR A 156 4.18 0.89 7.88
C THR A 156 4.56 2.04 6.94
N GLY A 157 3.91 2.05 5.78
CA GLY A 157 4.06 3.14 4.83
C GLY A 157 3.72 4.52 5.31
N VAL A 158 2.72 4.63 6.18
CA VAL A 158 2.44 5.88 6.83
C VAL A 158 3.57 6.38 7.68
N ARG A 159 4.19 5.47 8.45
CA ARG A 159 5.26 5.89 9.33
C ARG A 159 6.42 6.42 8.48
N VAL A 160 6.74 5.69 7.42
CA VAL A 160 7.85 6.12 6.52
C VAL A 160 7.54 7.47 5.93
N ALA A 161 6.33 7.67 5.42
CA ALA A 161 5.96 8.97 4.82
C ALA A 161 6.10 10.12 5.82
N MET A 162 5.61 9.91 7.03
CA MET A 162 5.72 10.93 8.06
C MET A 162 7.16 11.20 8.47
N LEU A 163 7.96 10.17 8.67
CA LEU A 163 9.39 10.40 8.92
C LEU A 163 10.08 11.23 7.81
N LYS A 164 9.74 10.94 6.55
CA LYS A 164 10.35 11.69 5.42
C LYS A 164 9.83 13.11 5.35
N LEU A 165 8.54 13.29 5.57
CA LEU A 165 7.97 14.63 5.56
C LEU A 165 8.59 15.46 6.66
N LEU A 166 8.63 14.94 7.90
CA LEU A 166 9.24 15.68 9.03
C LEU A 166 10.72 16.00 8.71
N GLY A 167 11.38 14.99 8.16
CA GLY A 167 12.75 15.11 7.65
C GLY A 167 12.95 16.31 6.75
N GLU A 168 12.09 16.44 5.73
CA GLU A 168 12.15 17.59 4.83
C GLU A 168 11.95 18.91 5.53
N LYS A 169 11.07 18.93 6.52
CA LYS A 169 10.75 20.19 7.18
C LYS A 169 11.70 20.52 8.30
N GLY A 170 12.58 19.59 8.63
CA GLY A 170 13.43 19.69 9.79
C GLY A 170 12.71 19.56 11.13
N TRP A 171 11.61 18.83 11.17
CA TRP A 171 10.84 18.66 12.41
C TRP A 171 11.12 17.36 13.12
N THR A 172 10.98 17.35 14.44
CA THR A 172 11.16 16.14 15.24
C THR A 172 9.99 16.06 16.27
N LYS A 173 10.01 15.06 17.17
CA LYS A 173 8.94 14.89 18.16
C LYS A 173 8.63 16.14 18.98
N LYS A 174 9.64 16.95 19.30
CA LYS A 174 9.41 18.14 20.14
C LYS A 174 8.52 19.15 19.44
N ASP A 175 8.43 19.02 18.14
CA ASP A 175 7.64 19.97 17.35
C ASP A 175 6.14 19.65 17.29
N PHE A 176 5.72 18.54 17.91
CA PHE A 176 4.31 18.17 17.96
C PHE A 176 3.91 17.91 19.42
N SER A 177 2.65 18.19 19.73
CA SER A 177 2.12 17.89 21.06
C SER A 177 1.79 16.41 21.28
N VAL A 178 1.38 15.76 20.18
CA VAL A 178 0.99 14.34 20.19
C VAL A 178 1.40 13.74 18.87
N MET A 179 2.03 12.55 18.92
CA MET A 179 2.29 11.76 17.73
C MET A 179 1.57 10.43 17.91
N ALA A 180 0.35 10.39 17.40
CA ALA A 180 -0.54 9.23 17.58
C ALA A 180 -0.09 8.10 16.63
N GLU A 181 -0.49 6.86 16.92
CA GLU A 181 -0.04 5.73 16.14
C GLU A 181 -1.25 4.90 15.71
N LEU A 182 -2.16 5.55 14.97
CA LEU A 182 -3.47 4.98 14.69
C LEU A 182 -3.58 4.44 13.26
N LYS A 183 -4.43 3.44 13.09
CA LYS A 183 -4.74 2.88 11.79
C LYS A 183 -5.85 3.68 11.17
N SER A 184 -6.12 3.43 9.87
CA SER A 184 -7.03 4.30 9.10
C SER A 184 -8.35 4.57 9.78
N SER A 185 -9.04 3.50 10.17
CA SER A 185 -10.38 3.61 10.80
C SER A 185 -10.32 4.40 12.10
N GLU A 186 -9.28 4.12 12.89
CA GLU A 186 -9.18 4.78 14.19
C GLU A 186 -9.02 6.29 14.01
N GLN A 187 -8.38 6.72 12.92
CA GLN A 187 -8.10 8.13 12.72
C GLN A 187 -9.32 8.95 12.44
N ALA A 188 -10.28 8.41 11.70
CA ALA A 188 -11.51 9.12 11.37
C ALA A 188 -12.23 9.51 12.61
N GLN A 189 -12.41 8.58 13.53
CA GLN A 189 -13.09 8.89 14.76
C GLN A 189 -12.26 9.86 15.63
N ALA A 190 -10.96 9.62 15.70
CA ALA A 190 -10.06 10.48 16.49
C ALA A 190 -10.08 11.92 15.96
N LEU A 191 -10.04 12.06 14.65
CA LEU A 191 -10.11 13.41 14.05
C LEU A 191 -11.41 14.13 14.38
N CYS A 192 -12.54 13.48 14.14
CA CYS A 192 -13.84 14.10 14.37
C CYS A 192 -14.09 14.37 15.87
N ASP A 193 -13.56 13.53 16.78
CA ASP A 193 -13.58 13.79 18.26
C ASP A 193 -12.55 14.82 18.77
N ASN A 194 -11.71 15.37 17.89
CA ASN A 194 -10.63 16.25 18.27
C ASN A 194 -9.52 15.64 19.09
N LYS A 195 -9.41 14.34 19.09
CA LYS A 195 -8.38 13.67 19.80
C LYS A 195 -7.07 13.74 19.04
N ILE A 196 -7.14 13.88 17.70
CA ILE A 196 -6.02 14.31 16.88
C ILE A 196 -6.49 15.53 16.07
N ASP A 197 -5.55 16.33 15.56
CA ASP A 197 -5.87 17.44 14.70
C ASP A 197 -5.65 17.12 13.22
N VAL A 198 -4.72 16.21 12.96
CA VAL A 198 -4.29 15.90 11.61
C VAL A 198 -4.25 14.40 11.41
N MET A 199 -5.15 13.92 10.55
CA MET A 199 -5.15 12.55 10.11
C MET A 199 -4.16 12.46 8.98
N VAL A 200 -3.34 11.41 9.02
CA VAL A 200 -2.34 11.17 8.00
C VAL A 200 -2.41 9.73 7.54
N ASP A 201 -2.54 9.52 6.24
CA ASP A 201 -2.57 8.17 5.75
C ASP A 201 -1.95 8.06 4.38
N VAL A 202 -1.59 6.84 4.00
CA VAL A 202 -1.02 6.57 2.68
C VAL A 202 -1.97 5.52 2.09
N ILE A 203 -2.91 5.99 1.28
CA ILE A 203 -4.08 5.16 0.96
C ILE A 203 -4.60 5.45 -0.40
N GLY A 204 -5.23 4.43 -0.99
CA GLY A 204 -5.92 4.58 -2.27
C GLY A 204 -7.20 5.39 -2.07
N HIS A 205 -7.73 5.96 -3.15
CA HIS A 205 -8.98 6.69 -3.11
C HIS A 205 -9.92 6.22 -4.21
N PRO A 206 -11.23 6.22 -3.93
CA PRO A 206 -11.88 6.55 -2.68
C PRO A 206 -11.66 5.46 -1.60
N ASN A 207 -11.72 5.89 -0.36
CA ASN A 207 -11.39 5.06 0.81
C ASN A 207 -12.50 5.16 1.85
N ALA A 208 -12.85 4.03 2.46
CA ALA A 208 -14.00 3.95 3.37
C ALA A 208 -13.76 4.73 4.65
N SER A 209 -12.50 4.77 5.13
CA SER A 209 -12.21 5.54 6.34
C SER A 209 -12.38 7.06 6.17
N ILE A 210 -11.92 7.58 5.04
CA ILE A 210 -12.13 8.97 4.72
C ILE A 210 -13.62 9.27 4.55
N GLN A 211 -14.32 8.35 3.88
CA GLN A 211 -15.76 8.47 3.68
CA GLN A 211 -15.74 8.54 3.70
C GLN A 211 -16.40 8.55 5.08
N GLU A 212 -16.01 7.65 5.98
CA GLU A 212 -16.53 7.68 7.37
C GLU A 212 -16.27 9.06 8.02
N ALA A 213 -15.04 9.56 7.92
CA ALA A 213 -14.68 10.85 8.50
C ALA A 213 -15.60 11.95 7.95
N SER A 214 -15.78 11.98 6.64
CA SER A 214 -16.52 13.08 6.01
C SER A 214 -18.00 13.00 6.31
N ALA A 215 -18.48 11.82 6.63
CA ALA A 215 -19.85 11.62 7.05
C ALA A 215 -20.03 12.03 8.52
N THR A 216 -18.94 12.08 9.28
CA THR A 216 -19.04 12.34 10.72
C THR A 216 -18.75 13.78 11.05
N CYS A 217 -17.78 14.39 10.38
CA CYS A 217 -17.56 15.83 10.58
C CYS A 217 -17.12 16.46 9.25
N ASP A 218 -17.03 17.78 9.21
CA ASP A 218 -16.70 18.50 7.99
CA ASP A 218 -16.68 18.48 7.98
C ASP A 218 -15.17 18.57 7.83
N ILE A 219 -14.64 17.86 6.83
CA ILE A 219 -13.19 17.69 6.65
C ILE A 219 -12.66 18.42 5.42
N LYS A 220 -11.34 18.59 5.39
CA LYS A 220 -10.66 19.10 4.22
C LYS A 220 -9.27 18.46 4.12
N PHE A 221 -8.72 18.52 2.91
CA PHE A 221 -7.41 17.93 2.62
C PHE A 221 -6.35 19.00 2.56
N ILE A 222 -5.17 18.67 3.04
CA ILE A 222 -4.01 19.56 2.96
C ILE A 222 -3.06 19.07 1.85
N PRO A 223 -2.83 19.91 0.83
CA PRO A 223 -1.90 19.55 -0.21
C PRO A 223 -0.46 19.73 0.22
N LEU A 224 0.44 19.13 -0.53
CA LEU A 224 1.87 19.37 -0.37
C LEU A 224 2.27 20.43 -1.37
N ASP A 225 3.17 21.32 -0.98
CA ASP A 225 3.62 22.37 -1.90
C ASP A 225 4.57 21.84 -2.98
N ASP A 226 4.77 22.61 -4.02
CA ASP A 226 5.60 22.19 -5.15
C ASP A 226 7.00 21.75 -4.74
N ARG A 227 7.66 22.54 -3.90
CA ARG A 227 9.05 22.27 -3.52
C ARG A 227 9.11 20.99 -2.72
N LEU A 228 8.21 20.82 -1.75
CA LEU A 228 8.19 19.60 -0.96
C LEU A 228 8.01 18.36 -1.86
N ILE A 229 7.07 18.40 -2.80
CA ILE A 229 6.83 17.27 -3.71
C ILE A 229 8.06 17.01 -4.58
N ASP A 230 8.66 18.07 -5.11
CA ASP A 230 9.88 17.94 -5.91
C ASP A 230 11.02 17.34 -5.11
N ASP A 231 11.20 17.79 -3.88
CA ASP A 231 12.29 17.32 -3.03
C ASP A 231 12.07 15.85 -2.63
N LEU A 232 10.83 15.51 -2.29
CA LEU A 232 10.51 14.12 -1.94
C LEU A 232 10.80 13.19 -3.10
N HIS A 233 10.35 13.56 -4.29
CA HIS A 233 10.54 12.69 -5.46
C HIS A 233 12.02 12.58 -5.81
N ALA A 234 12.76 13.69 -5.67
CA ALA A 234 14.20 13.68 -5.95
C ALA A 234 14.96 12.78 -5.00
N LYS A 235 14.63 12.82 -3.71
CA LYS A 235 15.36 12.11 -2.66
CA LYS A 235 15.39 12.11 -2.69
C LYS A 235 14.90 10.66 -2.55
N TYR A 236 13.59 10.45 -2.80
CA TYR A 236 12.96 9.14 -2.52
C TYR A 236 12.27 8.67 -3.79
N PRO A 237 13.00 7.93 -4.62
CA PRO A 237 12.52 7.56 -5.95
C PRO A 237 11.23 6.76 -5.97
N TYR A 238 10.85 6.14 -4.86
CA TYR A 238 9.59 5.39 -4.79
C TYR A 238 8.33 6.32 -4.69
N TYR A 239 8.53 7.63 -4.42
CA TYR A 239 7.42 8.61 -4.36
C TYR A 239 7.30 9.29 -5.69
N GLN A 240 6.12 9.17 -6.29
CA GLN A 240 5.79 9.90 -7.49
C GLN A 240 4.99 11.16 -7.23
N LYS A 241 5.22 12.19 -8.04
CA LYS A 241 4.36 13.38 -7.96
C LYS A 241 2.96 12.97 -8.39
N ASP A 242 1.93 13.38 -7.69
CA ASP A 242 0.60 12.93 -8.00
C ASP A 242 -0.52 13.87 -7.46
N ILE A 243 -1.74 13.53 -7.79
CA ILE A 243 -2.89 14.36 -7.51
C ILE A 243 -4.03 13.46 -7.04
N ILE A 244 -4.66 13.84 -5.93
CA ILE A 244 -5.90 13.21 -5.51
C ILE A 244 -6.98 14.06 -6.12
N SER A 245 -7.78 13.50 -7.02
CA SER A 245 -8.83 14.30 -7.66
C SER A 245 -9.88 14.77 -6.67
N GLY A 246 -10.34 15.98 -6.88
CA GLY A 246 -11.33 16.64 -6.07
C GLY A 246 -12.70 16.03 -6.24
N GLY A 247 -13.52 16.24 -5.23
CA GLY A 247 -14.90 15.84 -5.26
C GLY A 247 -15.23 14.38 -4.92
N LEU A 248 -14.30 13.65 -4.30
CA LEU A 248 -14.54 12.28 -3.91
C LEU A 248 -15.47 12.12 -2.68
N TYR A 249 -15.44 13.08 -1.75
CA TYR A 249 -16.12 12.93 -0.46
C TYR A 249 -16.98 14.10 -0.09
N ASN A 250 -16.70 15.25 -0.71
CA ASN A 250 -17.42 16.48 -0.48
C ASN A 250 -16.97 17.42 -1.58
N ASP A 251 -17.37 18.67 -1.54
CA ASP A 251 -16.87 19.65 -2.53
C ASP A 251 -15.44 19.95 -2.15
N SER A 252 -14.53 19.67 -3.05
CA SER A 252 -13.12 19.83 -2.71
C SER A 252 -12.22 19.98 -3.96
N PRO A 253 -11.03 20.57 -3.78
CA PRO A 253 -10.19 20.74 -4.95
C PRO A 253 -9.31 19.51 -5.21
N ASP A 254 -8.69 19.49 -6.37
CA ASP A 254 -7.61 18.53 -6.57
C ASP A 254 -6.54 18.85 -5.50
N ILE A 255 -5.93 17.79 -4.98
CA ILE A 255 -4.89 17.88 -3.96
C ILE A 255 -3.53 17.32 -4.46
N GLN A 256 -2.52 18.20 -4.60
CA GLN A 256 -1.18 17.79 -5.01
CA GLN A 256 -1.22 17.72 -5.03
C GLN A 256 -0.51 17.04 -3.86
N THR A 257 0.12 15.92 -4.15
CA THR A 257 0.77 15.15 -3.09
C THR A 257 1.75 14.18 -3.75
N VAL A 258 2.19 13.15 -3.02
CA VAL A 258 2.99 12.10 -3.61
C VAL A 258 2.22 10.78 -3.45
N SER A 259 2.55 9.84 -4.32
CA SER A 259 1.98 8.53 -4.31
C SER A 259 3.07 7.44 -4.34
N VAL A 260 2.65 6.26 -3.87
CA VAL A 260 3.35 5.00 -4.01
C VAL A 260 2.34 3.99 -4.59
N LYS A 261 2.76 2.77 -4.82
CA LYS A 261 1.84 1.70 -5.24
C LYS A 261 1.85 0.58 -4.24
N ALA A 262 0.67 0.04 -3.96
CA ALA A 262 0.52 -1.27 -3.35
C ALA A 262 0.95 -2.33 -4.38
N SER A 263 1.56 -3.39 -3.91
CA SER A 263 1.92 -4.47 -4.83
C SER A 263 1.94 -5.82 -4.14
N LEU A 264 1.79 -6.84 -4.95
CA LEU A 264 1.83 -8.19 -4.50
C LEU A 264 3.18 -8.74 -4.87
N VAL A 265 3.98 -9.03 -3.86
CA VAL A 265 5.38 -9.45 -4.05
C VAL A 265 5.61 -10.84 -3.47
N THR A 266 6.69 -11.45 -3.92
CA THR A 266 7.07 -12.79 -3.49
C THR A 266 8.59 -12.90 -3.62
N THR A 267 9.11 -14.14 -3.73
CA THR A 267 10.55 -14.30 -3.95
C THR A 267 10.76 -15.32 -5.10
N THR A 268 12.01 -15.48 -5.50
CA THR A 268 12.40 -16.54 -6.44
C THR A 268 12.16 -17.94 -5.90
N GLU A 269 11.91 -18.10 -4.61
CA GLU A 269 11.56 -19.43 -4.05
C GLU A 269 10.16 -19.87 -4.52
N LEU A 270 9.30 -18.92 -4.91
CA LEU A 270 8.00 -19.30 -5.43
C LEU A 270 8.24 -19.88 -6.84
N SER A 271 7.65 -21.03 -7.14
CA SER A 271 7.90 -21.65 -8.45
C SER A 271 7.35 -20.80 -9.58
N ASN A 272 7.95 -20.95 -10.76
CA ASN A 272 7.40 -20.40 -12.02
C ASN A 272 5.97 -20.76 -12.25
N ASP A 273 5.62 -22.03 -12.05
CA ASP A 273 4.26 -22.46 -12.24
C ASP A 273 3.31 -21.71 -11.29
N LEU A 274 3.64 -21.62 -10.01
CA LEU A 274 2.70 -20.95 -9.07
C LEU A 274 2.59 -19.46 -9.36
N ALA A 275 3.72 -18.82 -9.72
CA ALA A 275 3.72 -17.40 -9.98
C ALA A 275 2.82 -17.11 -11.17
N TYR A 276 2.99 -17.90 -12.24
CA TYR A 276 2.15 -17.89 -13.41
C TYR A 276 0.66 -18.09 -13.06
N LYS A 277 0.38 -19.15 -12.31
CA LYS A 277 -1.01 -19.47 -11.99
C LYS A 277 -1.66 -18.40 -11.15
N ILE A 278 -0.90 -17.83 -10.21
CA ILE A 278 -1.45 -16.84 -9.32
C ILE A 278 -1.81 -15.55 -10.09
N VAL A 279 -0.88 -15.06 -10.92
CA VAL A 279 -1.10 -13.88 -11.70
CA VAL A 279 -1.19 -13.84 -11.63
C VAL A 279 -2.26 -14.09 -12.68
N LYS A 280 -2.30 -15.27 -13.29
CA LYS A 280 -3.39 -15.59 -14.21
C LYS A 280 -4.74 -15.61 -13.51
N SER A 281 -4.79 -16.17 -12.32
CA SER A 281 -6.05 -16.18 -11.55
C SER A 281 -6.49 -14.76 -11.21
N ILE A 282 -5.57 -13.89 -10.74
CA ILE A 282 -5.94 -12.51 -10.45
C ILE A 282 -6.47 -11.78 -11.71
N ALA A 283 -5.74 -11.92 -12.81
CA ALA A 283 -6.12 -11.25 -14.07
C ALA A 283 -7.46 -11.74 -14.58
N THR A 284 -7.67 -13.05 -14.52
CA THR A 284 -8.93 -13.65 -14.88
C THR A 284 -10.11 -13.17 -14.03
N HIS A 285 -9.87 -12.86 -12.77
CA HIS A 285 -10.88 -12.38 -11.86
C HIS A 285 -10.79 -10.90 -11.56
N LEU A 286 -10.23 -10.14 -12.50
CA LEU A 286 -9.96 -8.71 -12.31
C LEU A 286 -11.23 -7.96 -12.07
N ARG A 287 -12.32 -8.34 -12.76
CA ARG A 287 -13.51 -7.57 -12.58
CA ARG A 287 -13.63 -7.70 -12.62
C ARG A 287 -14.05 -7.70 -11.15
N GLU A 288 -13.89 -8.86 -10.54
CA GLU A 288 -14.21 -9.02 -9.14
CA GLU A 288 -14.23 -8.99 -9.14
C GLU A 288 -13.21 -8.30 -8.22
N LEU A 289 -11.92 -8.35 -8.56
CA LEU A 289 -10.93 -7.68 -7.74
C LEU A 289 -11.29 -6.18 -7.66
N ARG A 290 -11.74 -5.62 -8.78
CA ARG A 290 -12.02 -4.16 -8.85
C ARG A 290 -13.08 -3.76 -7.85
N SER A 291 -13.93 -4.73 -7.48
CA SER A 291 -15.02 -4.49 -6.62
C SER A 291 -14.63 -4.57 -5.13
N ILE A 292 -13.40 -5.01 -4.84
CA ILE A 292 -13.02 -5.21 -3.43
C ILE A 292 -12.88 -3.92 -2.66
N THR A 293 -12.40 -2.88 -3.31
CA THR A 293 -12.24 -1.59 -2.70
C THR A 293 -12.27 -0.52 -3.80
N GLY A 294 -12.73 0.67 -3.45
CA GLY A 294 -12.86 1.79 -4.41
C GLY A 294 -11.62 2.09 -5.23
N ALA A 295 -10.44 2.00 -4.60
CA ALA A 295 -9.18 2.36 -5.26
C ALA A 295 -8.82 1.40 -6.41
N LEU A 296 -9.40 0.22 -6.39
CA LEU A 296 -9.09 -0.81 -7.40
C LEU A 296 -9.97 -0.72 -8.62
N LYS A 297 -10.94 0.19 -8.66
CA LYS A 297 -11.88 0.18 -9.79
C LYS A 297 -11.21 0.33 -11.14
N THR A 298 -10.13 1.10 -11.17
CA THR A 298 -9.45 1.39 -12.45
C THR A 298 -8.38 0.35 -12.82
N LEU A 299 -8.12 -0.62 -11.97
CA LEU A 299 -6.94 -1.50 -12.17
C LEU A 299 -7.12 -2.30 -13.44
N THR A 300 -6.07 -2.32 -14.27
CA THR A 300 -6.05 -3.11 -15.48
C THR A 300 -4.87 -4.09 -15.45
N VAL A 301 -4.86 -5.06 -16.39
CA VAL A 301 -3.74 -6.01 -16.47
CA VAL A 301 -3.75 -6.00 -16.41
C VAL A 301 -2.44 -5.28 -16.82
N GLN A 302 -2.56 -4.22 -17.61
CA GLN A 302 -1.40 -3.40 -17.94
C GLN A 302 -0.82 -2.77 -16.71
N ASP A 303 -1.69 -2.38 -15.77
CA ASP A 303 -1.24 -1.82 -14.49
C ASP A 303 -0.56 -2.89 -13.66
N MET A 304 -1.14 -4.08 -13.63
CA MET A 304 -0.59 -5.20 -12.86
C MET A 304 0.85 -5.51 -13.34
N ALA A 305 1.05 -5.47 -14.65
CA ALA A 305 2.31 -5.83 -15.27
C ALA A 305 3.49 -4.83 -15.06
N LYS A 306 3.27 -3.69 -14.41
CA LYS A 306 4.34 -2.74 -14.22
C LYS A 306 5.15 -3.10 -12.99
N SER A 307 6.45 -2.97 -13.05
CA SER A 307 7.25 -3.08 -11.82
C SER A 307 8.50 -2.20 -11.94
N SER A 308 8.63 -1.18 -11.12
CA SER A 308 9.74 -0.27 -11.28
C SER A 308 10.78 -0.43 -10.19
N ILE A 309 10.45 -1.15 -9.13
CA ILE A 309 11.37 -1.30 -7.99
C ILE A 309 11.97 -2.72 -7.99
N THR A 310 11.13 -3.73 -8.01
CA THR A 310 11.59 -5.13 -7.93
CA THR A 310 11.54 -5.09 -7.91
C THR A 310 11.44 -5.81 -9.28
N PRO A 311 12.38 -6.70 -9.61
CA PRO A 311 12.15 -7.41 -10.88
C PRO A 311 10.89 -8.23 -10.83
N MET A 312 10.21 -8.31 -11.95
CA MET A 312 9.09 -9.22 -12.08
C MET A 312 9.50 -10.72 -11.95
N HIS A 313 8.70 -11.52 -11.26
CA HIS A 313 8.95 -12.94 -11.19
C HIS A 313 8.89 -13.47 -12.58
N ASP A 314 9.81 -14.37 -12.96
CA ASP A 314 9.77 -14.97 -14.28
C ASP A 314 8.40 -15.54 -14.66
N GLY A 315 7.71 -16.20 -13.72
CA GLY A 315 6.42 -16.84 -14.00
C GLY A 315 5.30 -15.84 -14.22
N ALA A 316 5.40 -14.72 -13.56
CA ALA A 316 4.48 -13.59 -13.73
C ALA A 316 4.71 -12.93 -15.07
N GLU A 317 5.97 -12.68 -15.40
CA GLU A 317 6.34 -12.13 -16.68
C GLU A 317 5.85 -13.02 -17.81
N ARG A 318 5.99 -14.35 -17.66
CA ARG A 318 5.49 -15.27 -18.67
C ARG A 318 4.02 -14.99 -18.98
N TYR A 319 3.22 -14.84 -17.93
CA TYR A 319 1.81 -14.57 -18.12
C TYR A 319 1.54 -13.23 -18.80
N TYR A 320 2.12 -12.17 -18.29
CA TYR A 320 1.89 -10.84 -18.88
C TYR A 320 2.32 -10.73 -20.36
N LYS A 321 3.40 -11.40 -20.72
CA LYS A 321 3.80 -11.48 -22.11
C LYS A 321 2.85 -12.30 -22.95
N GLU A 322 2.37 -13.43 -22.42
CA GLU A 322 1.46 -14.29 -23.12
C GLU A 322 0.20 -13.55 -23.57
N ILE A 323 -0.35 -12.70 -22.70
CA ILE A 323 -1.60 -11.99 -23.01
C ILE A 323 -1.36 -10.57 -23.60
N GLY A 324 -0.10 -10.18 -23.81
CA GLY A 324 0.23 -8.88 -24.39
C GLY A 324 0.09 -7.68 -23.45
N ALA A 325 0.14 -7.90 -22.14
CA ALA A 325 0.08 -6.80 -21.16
C ALA A 325 1.45 -6.13 -21.08
N ILE A 326 2.47 -6.84 -21.52
CA ILE A 326 3.84 -6.37 -21.66
C ILE A 326 4.22 -6.71 -23.10
N LYS A 327 4.93 -5.81 -23.78
CA LYS A 327 5.39 -6.03 -25.18
C LYS A 327 6.77 -6.70 -25.37
#